data_2M43
#
_entry.id   2M43
#
loop_
_entity.id
_entity.type
_entity.pdbx_description
1 polymer "DNA (5'-D(*CP*GP*CP*TP*CP*(ORP)P*CP*AP*CP*GP*C)-3')"
2 polymer "DNA (5'-D(*GP*CP*(8OG)P*TP*GP*GP*GP*AP*GP*CP*G)-3')"
#
loop_
_entity_poly.entity_id
_entity_poly.type
_entity_poly.pdbx_seq_one_letter_code
_entity_poly.pdbx_strand_id
1 'polydeoxyribonucleotide' (DC)(DG)(DC)(DT)(DC)(ORP)(DC)(DA)(DC)(DG)(DC) A
2 'polydeoxyribonucleotide' (DG)(DC)(8OG)(DT)(DG)(DG)(DG)(DA)(DG)(DC)(DG) B
#
loop_
_chem_comp.id
_chem_comp.type
_chem_comp.name
_chem_comp.formula
8OG DNA linking 8-OXO-2'-DEOXY-GUANOSINE-5'-MONOPHOSPHATE 'C10 H14 N5 O8 P'
DA DNA linking 2'-DEOXYADENOSINE-5'-MONOPHOSPHATE 'C10 H14 N5 O6 P'
DC DNA linking 2'-DEOXYCYTIDINE-5'-MONOPHOSPHATE 'C9 H14 N3 O7 P'
DG DNA linking 2'-DEOXYGUANOSINE-5'-MONOPHOSPHATE 'C10 H14 N5 O7 P'
DT DNA linking THYMIDINE-5'-MONOPHOSPHATE 'C10 H15 N2 O8 P'
ORP saccharide 2-DEOXY-5-PHOSPHONO-RIBOSE 'C5 H11 O7 P'
#
# COMPACT_ATOMS: atom_id res chain seq x y z
C1 ORP A 6 2.61 8.65 2.17
O1 ORP A 6 1.39 9.32 1.73
C2 ORP A 6 2.07 7.52 3.01
C3 ORP A 6 3.34 6.96 3.58
O3 ORP A 6 3.29 5.96 4.60
C4 ORP A 6 4.15 8.22 3.72
O4 ORP A 6 3.65 9.23 2.81
C5 ORP A 6 5.68 8.03 3.54
O5 ORP A 6 6.07 7.38 2.34
P ORP A 6 6.45 8.08 1.03
O1P ORP A 6 7.67 7.39 0.57
O2P ORP A 6 6.42 9.55 1.27
H1 ORP A 6 2.97 8.15 1.26
HO1 ORP A 6 1.00 8.54 1.33
H21 ORP A 6 1.38 7.78 3.81
H22 ORP A 6 1.61 6.74 2.39
H3 ORP A 6 3.68 6.31 2.76
H4 ORP A 6 3.82 8.61 4.68
H51 ORP A 6 6.19 8.99 3.59
H52 ORP A 6 6.11 7.41 4.34
P 8OG B 3 0.43 -8.53 -4.00
OP1 8OG B 3 -0.07 -9.81 -4.50
OP2 8OG B 3 1.51 -7.87 -4.76
O5' 8OG B 3 -0.80 -7.54 -3.93
C5' 8OG B 3 -2.05 -7.95 -3.24
C4' 8OG B 3 -2.88 -6.75 -2.62
O4' 8OG B 3 -2.40 -6.08 -1.53
C3' 8OG B 3 -3.24 -5.73 -3.71
O3' 8OG B 3 -4.62 -5.93 -3.99
C2' 8OG B 3 -3.05 -4.35 -3.02
C1' 8OG B 3 -2.98 -4.76 -1.56
N9 8OG B 3 -2.13 -3.94 -0.64
C8 8OG B 3 -0.85 -3.53 -0.76
N7 8OG B 3 -0.47 -2.75 0.18
C5 8OG B 3 -1.56 -2.69 1.03
C6 8OG B 3 -1.79 -1.97 2.26
O6 8OG B 3 -0.96 -1.27 2.82
N1 8OG B 3 -3.06 -2.08 2.77
C2 8OG B 3 -4.00 -2.89 2.21
N2 8OG B 3 -5.21 -2.77 2.62
N3 8OG B 3 -3.87 -3.54 1.03
C4 8OG B 3 -2.64 -3.35 0.46
O8 8OG B 3 -0.03 -3.81 -1.65
H5' 8OG B 3 -1.77 -8.54 -2.36
H5'' 8OG B 3 -2.63 -8.50 -3.97
H4' 8OG B 3 -3.77 -7.28 -2.27
H3' 8OG B 3 -2.58 -5.87 -4.55
H2' 8OG B 3 -3.91 -3.73 -3.20
H2'' 8OG B 3 -2.12 -3.92 -3.40
H1' 8OG B 3 -4.00 -4.81 -1.16
H7 8OG B 3 0.51 -2.48 0.22
H1 8OG B 3 -3.31 -1.60 3.63
H21 8OG B 3 -5.94 -3.28 2.15
H22 8OG B 3 -5.46 -2.30 3.48
C1 ORP A 6 2.50 8.06 2.07
O1 ORP A 6 1.24 8.55 1.55
C2 ORP A 6 2.00 7.29 3.26
C3 ORP A 6 3.23 6.66 3.72
O3 ORP A 6 3.34 5.93 4.97
C4 ORP A 6 4.10 7.91 3.63
O4 ORP A 6 3.61 8.77 2.59
C5 ORP A 6 5.62 7.74 3.53
O5 ORP A 6 6.09 6.82 2.54
P ORP A 6 6.74 7.15 1.07
O1P ORP A 6 7.77 6.13 0.72
O2P ORP A 6 7.02 8.60 1.02
H1 ORP A 6 2.93 7.36 1.35
HO1 ORP A 6 0.84 7.75 1.19
H21 ORP A 6 1.56 7.92 4.03
H22 ORP A 6 1.23 6.60 2.90
H3 ORP A 6 3.45 5.87 3.00
H4 ORP A 6 3.83 8.37 4.58
H51 ORP A 6 5.98 8.76 3.42
H52 ORP A 6 5.79 7.28 4.52
P 8OG B 3 0.03 -7.61 -5.33
OP1 8OG B 3 -0.56 -8.64 -6.18
OP2 8OG B 3 0.97 -6.67 -5.94
O5' 8OG B 3 -1.22 -6.71 -4.89
C5' 8OG B 3 -2.37 -7.42 -4.43
C4' 8OG B 3 -3.28 -6.36 -3.83
O4' 8OG B 3 -2.76 -5.94 -2.54
C3' 8OG B 3 -3.48 -5.19 -4.75
O3' 8OG B 3 -4.84 -5.23 -5.18
C2' 8OG B 3 -3.19 -3.92 -3.81
C1' 8OG B 3 -3.05 -4.52 -2.44
N9 8OG B 3 -2.08 -3.88 -1.55
C8 8OG B 3 -0.82 -3.34 -1.77
N7 8OG B 3 -0.28 -2.71 -0.72
C5 8OG B 3 -1.33 -2.74 0.23
C6 8OG B 3 -1.51 -2.08 1.47
O6 8OG B 3 -0.84 -1.24 2.02
N1 8OG B 3 -2.66 -2.34 2.17
C2 8OG B 3 -3.61 -3.09 1.59
N2 8OG B 3 -4.75 -3.20 2.20
N3 8OG B 3 -3.58 -3.68 0.36
C4 8OG B 3 -2.40 -3.48 -0.24
O8 8OG B 3 -0.23 -3.42 -2.80
H5' 8OG B 3 -2.15 -8.14 -3.64
H5'' 8OG B 3 -2.89 -7.93 -5.24
H4' 8OG B 3 -4.22 -6.89 -3.73
H3' 8OG B 3 -2.79 -5.23 -5.60
H2' 8OG B 3 -3.94 -3.13 -3.82
H2'' 8OG B 3 -2.28 -3.43 -4.13
H1' 8OG B 3 -4.02 -4.45 -1.94
H7 8OG B 3 0.60 -2.20 -0.73
H1 8OG B 3 -2.83 -1.80 3.01
H21 8OG B 3 -5.56 -3.58 1.73
H22 8OG B 3 -4.73 -2.75 3.11
C1 ORP A 6 2.10 8.63 1.99
O1 ORP A 6 0.91 9.13 1.45
C2 ORP A 6 1.73 7.57 3.02
C3 ORP A 6 3.06 7.35 3.67
O3 ORP A 6 2.96 6.60 4.86
C4 ORP A 6 3.69 8.74 3.70
O4 ORP A 6 3.01 9.52 2.65
C5 ORP A 6 5.23 9.01 3.69
O5 ORP A 6 5.98 8.08 2.88
P ORP A 6 6.34 8.28 1.30
O1P ORP A 6 7.48 7.34 0.94
O2P ORP A 6 6.60 9.71 1.12
H1 ORP A 6 2.61 8.17 1.13
HO1 ORP A 6 0.32 8.38 1.52
H21 ORP A 6 1.08 8.02 3.78
H22 ORP A 6 1.41 6.73 2.43
H3 ORP A 6 3.47 6.69 2.91
H4 ORP A 6 3.29 9.15 4.62
H51 ORP A 6 5.51 9.98 3.28
H52 ORP A 6 5.62 8.71 4.66
P 8OG B 3 -0.14 -8.33 -5.62
OP1 8OG B 3 -0.89 -9.52 -6.10
OP2 8OG B 3 1.05 -7.81 -6.49
O5' 8OG B 3 -1.07 -7.15 -5.35
C5' 8OG B 3 -2.44 -7.31 -4.99
C4' 8OG B 3 -3.19 -6.17 -4.30
O4' 8OG B 3 -2.59 -5.81 -3.12
C3' 8OG B 3 -3.37 -4.95 -5.14
O3' 8OG B 3 -4.76 -4.97 -5.58
C2' 8OG B 3 -3.15 -3.77 -4.13
C1' 8OG B 3 -3.07 -4.50 -2.83
N9 8OG B 3 -2.18 -3.88 -1.77
C8 8OG B 3 -0.86 -3.55 -1.82
N7 8OG B 3 -0.50 -2.80 -0.84
C5 8OG B 3 -1.55 -2.78 0.05
C6 8OG B 3 -1.65 -2.05 1.27
O6 8OG B 3 -0.95 -1.29 1.93
N1 8OG B 3 -2.86 -2.34 1.89
C2 8OG B 3 -3.89 -3.00 1.26
N2 8OG B 3 -5.03 -3.13 1.93
N3 8OG B 3 -3.83 -3.53 0.03
C4 8OG B 3 -2.59 -3.44 -0.53
O8 8OG B 3 -0.08 -3.84 -2.75
H5' 8OG B 3 -2.59 -8.06 -4.21
H5'' 8OG B 3 -3.01 -7.63 -5.87
H4' 8OG B 3 -4.16 -6.63 -4.10
H3' 8OG B 3 -2.72 -5.01 -6.01
H2' 8OG B 3 -4.01 -3.11 -3.98
H2'' 8OG B 3 -2.24 -3.22 -4.36
H1' 8OG B 3 -4.04 -4.51 -2.32
H7 8OG B 3 0.45 -2.49 -0.77
H1 8OG B 3 -2.99 -1.85 2.76
H21 8OG B 3 -5.84 -3.39 1.38
H22 8OG B 3 -5.20 -2.68 2.81
C1 ORP A 6 2.46 8.60 2.17
O1 ORP A 6 1.13 8.98 1.94
C2 ORP A 6 2.25 7.41 3.11
C3 ORP A 6 3.55 7.16 3.70
O3 ORP A 6 3.52 6.36 4.91
C4 ORP A 6 4.05 8.62 3.77
O4 ORP A 6 3.37 9.41 2.78
C5 ORP A 6 5.57 8.66 3.71
O5 ORP A 6 6.16 7.80 2.80
P ORP A 6 6.46 8.20 1.25
O1P ORP A 6 7.60 7.43 0.78
O2P ORP A 6 6.43 9.62 1.08
H1 ORP A 6 2.86 8.19 1.25
HO1 ORP A 6 0.84 8.17 1.52
H21 ORP A 6 1.52 7.68 3.86
H22 ORP A 6 1.94 6.55 2.53
H3 ORP A 6 4.00 6.57 2.91
H4 ORP A 6 3.68 9.02 4.72
H51 ORP A 6 5.74 9.71 3.50
H52 ORP A 6 5.85 8.42 4.74
P 8OG B 3 0.03 -8.48 -5.12
OP1 8OG B 3 -0.69 -9.70 -5.55
OP2 8OG B 3 0.97 -7.79 -6.00
O5' 8OG B 3 -1.00 -7.46 -4.53
C5' 8OG B 3 -2.27 -7.85 -4.11
C4' 8OG B 3 -2.98 -6.62 -3.60
O4' 8OG B 3 -2.56 -6.02 -2.35
C3' 8OG B 3 -2.98 -5.52 -4.67
O3' 8OG B 3 -4.21 -5.61 -5.37
C2' 8OG B 3 -2.79 -4.23 -3.82
C1' 8OG B 3 -2.87 -4.66 -2.35
N9 8OG B 3 -2.06 -3.84 -1.41
C8 8OG B 3 -0.74 -3.57 -1.38
N7 8OG B 3 -0.37 -2.73 -0.48
C5 8OG B 3 -1.48 -2.73 0.39
C6 8OG B 3 -1.66 -2.17 1.68
O6 8OG B 3 -0.79 -1.63 2.37
N1 8OG B 3 -2.92 -2.36 2.17
C2 8OG B 3 -3.89 -2.94 1.52
N2 8OG B 3 -5.08 -3.15 2.11
N3 8OG B 3 -3.83 -3.54 0.31
C4 8OG B 3 -2.55 -3.35 -0.22
O8 8OG B 3 0.03 -3.95 -2.22
H5' 8OG B 3 -2.09 -8.61 -3.33
H5'' 8OG B 3 -2.81 -8.26 -4.96
H4' 8OG B 3 -4.03 -6.83 -3.44
H3' 8OG B 3 -2.21 -5.66 -5.43
H2' 8OG B 3 -3.48 -3.43 -4.08
H2'' 8OG B 3 -1.74 -3.95 -3.93
H1' 8OG B 3 -3.92 -4.66 -2.07
H7 8OG B 3 0.52 -2.25 -0.55
H1 8OG B 3 -3.23 -2.05 3.09
H21 8OG B 3 -5.81 -3.40 1.46
H22 8OG B 3 -5.28 -2.66 2.96
C1 ORP A 6 2.30 8.54 2.34
O1 ORP A 6 1.12 9.22 1.99
C2 ORP A 6 1.91 7.58 3.50
C3 ORP A 6 3.26 6.94 3.83
O3 ORP A 6 3.46 6.20 5.01
C4 ORP A 6 3.96 8.31 3.83
O4 ORP A 6 3.52 9.06 2.72
C5 ORP A 6 5.53 8.30 3.86
O5 ORP A 6 6.14 7.52 2.80
P ORP A 6 6.60 8.18 1.34
O1P ORP A 6 7.68 7.30 0.97
O2P ORP A 6 6.90 9.61 1.48
H1 ORP A 6 2.46 7.93 1.45
HO1 ORP A 6 0.71 8.52 1.48
H21 ORP A 6 1.34 8.06 4.30
H22 ORP A 6 1.23 6.87 3.03
H3 ORP A 6 3.49 6.31 2.97
H4 ORP A 6 3.67 8.90 4.71
H51 ORP A 6 5.94 9.31 3.97
H52 ORP A 6 5.83 7.84 4.80
P 8OG B 3 0.84 -8.65 -4.59
OP1 8OG B 3 0.29 -9.88 -5.09
OP2 8OG B 3 1.83 -7.87 -5.38
O5' 8OG B 3 -0.39 -7.61 -4.19
C5' 8OG B 3 -1.63 -8.12 -3.76
C4' 8OG B 3 -2.62 -7.02 -3.36
O4' 8OG B 3 -2.20 -6.50 -2.11
C3' 8OG B 3 -2.64 -5.97 -4.48
O3' 8OG B 3 -3.97 -6.00 -5.03
C2' 8OG B 3 -2.30 -4.66 -3.58
C1' 8OG B 3 -2.55 -5.07 -2.14
N9 8OG B 3 -1.89 -4.35 -1.11
C8 8OG B 3 -0.60 -3.92 -1.13
N7 8OG B 3 -0.38 -3.07 -0.17
C5 8OG B 3 -1.47 -3.16 0.69
C6 8OG B 3 -1.78 -2.46 1.86
O6 8OG B 3 -1.09 -1.68 2.49
N1 8OG B 3 -3.11 -2.55 2.16
C2 8OG B 3 -4.00 -3.31 1.56
N2 8OG B 3 -5.17 -3.27 1.99
N3 8OG B 3 -3.73 -4.02 0.44
C4 8OG B 3 -2.46 -3.92 0.06
O8 8OG B 3 0.31 -4.18 -1.95
H5' 8OG B 3 -1.49 -8.75 -2.88
H5'' 8OG B 3 -2.11 -8.73 -4.52
H4' 8OG B 3 -3.61 -7.46 -3.20
H3' 8OG B 3 -1.87 -6.16 -5.23
H2' 8OG B 3 -2.84 -3.75 -3.81
H2'' 8OG B 3 -1.25 -4.39 -3.75
H1' 8OG B 3 -3.62 -4.91 -2.01
H7 8OG B 3 0.56 -2.76 0.02
H1 8OG B 3 -3.45 -2.11 3.00
H21 8OG B 3 -5.88 -3.88 1.61
H22 8OG B 3 -5.30 -2.80 2.88
C1 ORP A 6 2.50 8.91 1.68
O1 ORP A 6 1.49 9.76 1.21
C2 ORP A 6 1.94 8.00 2.75
C3 ORP A 6 3.19 7.27 3.22
O3 ORP A 6 3.14 6.40 4.34
C4 ORP A 6 4.05 8.55 3.36
O4 ORP A 6 3.63 9.37 2.25
C5 ORP A 6 5.60 8.47 3.57
O5 ORP A 6 6.26 7.61 2.68
P ORP A 6 6.60 8.09 1.17
O1P ORP A 6 7.70 7.26 0.70
O2P ORP A 6 6.69 9.56 1.14
H1 ORP A 6 2.71 8.32 0.79
HO1 ORP A 6 0.85 9.08 0.93
H21 ORP A 6 1.56 8.67 3.52
H22 ORP A 6 1.12 7.45 2.29
H3 ORP A 6 3.50 6.58 2.43
H4 ORP A 6 3.69 9.15 4.20
H51 ORP A 6 5.95 9.50 3.56
H52 ORP A 6 5.84 8.13 4.58
P 8OG B 3 0.43 -8.35 -4.35
OP1 8OG B 3 0.09 -9.69 -4.84
OP2 8OG B 3 1.34 -7.56 -5.16
O5' 8OG B 3 -0.87 -7.53 -4.27
C5' 8OG B 3 -1.94 -8.04 -3.49
C4' 8OG B 3 -2.98 -7.02 -3.12
O4' 8OG B 3 -2.47 -6.25 -2.04
C3' 8OG B 3 -3.28 -5.91 -4.15
O3' 8OG B 3 -4.67 -5.99 -4.44
C2' 8OG B 3 -2.74 -4.58 -3.62
C1' 8OG B 3 -2.85 -4.91 -2.17
N9 8OG B 3 -2.00 -4.21 -1.25
C8 8OG B 3 -0.80 -3.59 -1.34
N7 8OG B 3 -0.45 -2.83 -0.35
C5 8OG B 3 -1.58 -2.84 0.45
C6 8OG B 3 -1.83 -2.10 1.64
O6 8OG B 3 -1.20 -1.26 2.22
N1 8OG B 3 -3.02 -2.48 2.17
C2 8OG B 3 -3.94 -3.29 1.59
N2 8OG B 3 -5.08 -3.42 2.24
N3 8OG B 3 -3.80 -3.97 0.48
C4 8OG B 3 -2.51 -3.74 -0.03
O8 8OG B 3 -0.11 -3.48 -2.33
H5' 8OG B 3 -1.60 -8.44 -2.53
H5'' 8OG B 3 -2.47 -8.80 -4.05
H4' 8OG B 3 -3.89 -7.50 -2.78
H3' 8OG B 3 -2.68 -6.23 -5.00
H2' 8OG B 3 -3.38 -3.75 -3.92
H2'' 8OG B 3 -1.69 -4.40 -3.85
H1' 8OG B 3 -3.89 -4.84 -1.87
H7 8OG B 3 0.27 -2.12 -0.41
H1 8OG B 3 -3.25 -1.91 2.98
H21 8OG B 3 -5.84 -4.00 1.90
H22 8OG B 3 -5.23 -2.90 3.09
C1 ORP A 6 2.57 8.33 2.18
O1 ORP A 6 1.56 9.02 1.51
C2 ORP A 6 1.88 7.52 3.24
C3 ORP A 6 3.06 6.78 3.84
O3 ORP A 6 2.89 5.95 4.95
C4 ORP A 6 3.92 8.00 3.93
O4 ORP A 6 3.63 8.93 2.88
C5 ORP A 6 5.45 7.93 4.16
O5 ORP A 6 5.99 7.05 3.14
P ORP A 6 6.52 7.62 1.72
O1P ORP A 6 7.63 6.72 1.35
O2P ORP A 6 6.66 9.04 1.58
H1 ORP A 6 2.96 7.60 1.47
HO1 ORP A 6 1.02 8.37 1.05
H21 ORP A 6 1.35 8.21 3.90
H22 ORP A 6 1.29 6.76 2.73
H3 ORP A 6 3.34 6.04 3.08
H4 ORP A 6 3.43 8.43 4.80
H51 ORP A 6 5.98 8.89 4.18
H52 ORP A 6 5.57 7.46 5.13
P 8OG B 3 0.15 -8.48 -4.03
OP1 8OG B 3 -0.42 -9.66 -4.70
OP2 8OG B 3 1.09 -7.63 -4.80
O5' 8OG B 3 -0.98 -7.43 -3.63
C5' 8OG B 3 -2.29 -7.83 -3.25
C4' 8OG B 3 -3.16 -6.67 -2.96
O4' 8OG B 3 -2.77 -5.98 -1.79
C3' 8OG B 3 -3.30 -5.64 -4.07
O3' 8OG B 3 -4.77 -5.64 -4.32
C2' 8OG B 3 -2.91 -4.27 -3.45
C1' 8OG B 3 -3.02 -4.63 -1.99
N9 8OG B 3 -2.21 -3.83 -1.04
C8 8OG B 3 -0.91 -3.47 -1.05
N7 8OG B 3 -0.54 -2.89 0.02
C5 8OG B 3 -1.75 -2.53 0.63
C6 8OG B 3 -2.01 -1.72 1.80
O6 8OG B 3 -1.25 -0.96 2.38
N1 8OG B 3 -3.33 -1.72 2.17
C2 8OG B 3 -4.22 -2.50 1.62
N2 8OG B 3 -5.48 -2.45 2.01
N3 8OG B 3 -4.05 -3.20 0.50
C4 8OG B 3 -2.74 -3.25 0.14
O8 8OG B 3 -0.07 -3.61 -1.93
H5' 8OG B 3 -2.21 -8.43 -2.34
H5'' 8OG B 3 -2.79 -8.43 -4.00
H4' 8OG B 3 -4.17 -7.04 -2.78
H3' 8OG B 3 -2.70 -5.82 -4.94
H2' 8OG B 3 -3.65 -3.50 -3.67
H2'' 8OG B 3 -1.92 -3.98 -3.79
H1' 8OG B 3 -4.08 -4.45 -1.85
H7 8OG B 3 0.36 -2.46 0.18
H1 8OG B 3 -3.63 -1.15 2.96
H21 8OG B 3 -6.13 -3.03 1.50
H22 8OG B 3 -5.63 -1.93 2.86
C1 ORP A 6 2.59 8.42 2.64
O1 ORP A 6 1.70 9.08 1.88
C2 ORP A 6 1.90 7.65 3.63
C3 ORP A 6 3.07 6.90 4.33
O3 ORP A 6 2.99 6.02 5.49
C4 ORP A 6 3.96 8.16 4.44
O4 ORP A 6 3.64 8.98 3.40
C5 ORP A 6 5.45 7.80 4.55
O5 ORP A 6 6.03 6.89 3.57
P ORP A 6 6.66 7.35 2.17
O1P ORP A 6 7.62 6.37 1.68
O2P ORP A 6 7.01 8.80 2.27
H1 ORP A 6 3.06 7.67 2.00
HO1 ORP A 6 1.13 8.34 1.65
H21 ORP A 6 1.38 8.28 4.36
H22 ORP A 6 1.30 6.96 3.03
H3 ORP A 6 3.50 6.21 3.61
H4 ORP A 6 3.64 8.68 5.34
H51 ORP A 6 6.03 8.72 4.56
H52 ORP A 6 5.54 7.28 5.51
P 8OG B 3 0.51 -8.26 -4.86
OP1 8OG B 3 -0.05 -9.46 -5.57
OP2 8OG B 3 1.52 -7.47 -5.57
O5' 8OG B 3 -0.69 -7.27 -4.41
C5' 8OG B 3 -2.01 -7.79 -4.09
C4' 8OG B 3 -2.87 -6.61 -3.70
O4' 8OG B 3 -2.35 -5.97 -2.53
C3' 8OG B 3 -3.13 -5.54 -4.79
O3' 8OG B 3 -4.41 -5.53 -5.26
C2' 8OG B 3 -2.77 -4.30 -4.06
C1' 8OG B 3 -2.81 -4.63 -2.63
N9 8OG B 3 -2.02 -3.81 -1.65
C8 8OG B 3 -0.66 -3.50 -1.65
N7 8OG B 3 -0.29 -2.90 -0.57
C5 8OG B 3 -1.47 -2.76 0.15
C6 8OG B 3 -1.64 -2.28 1.49
O6 8OG B 3 -0.90 -1.56 2.11
N1 8OG B 3 -2.95 -2.57 1.99
C2 8OG B 3 -3.96 -3.01 1.26
N2 8OG B 3 -5.03 -3.27 1.92
N3 8OG B 3 -3.80 -3.55 0.02
C4 8OG B 3 -2.50 -3.42 -0.47
O8 8OG B 3 0.09 -3.61 -2.57
H5' 8OG B 3 -1.92 -8.61 -3.37
H5'' 8OG B 3 -2.47 -8.30 -4.94
H4' 8OG B 3 -3.79 -7.16 -3.50
H3' 8OG B 3 -2.40 -5.83 -5.55
H2' 8OG B 3 -3.46 -3.46 -4.18
H2'' 8OG B 3 -1.78 -3.97 -4.39
H1' 8OG B 3 -3.85 -4.52 -2.32
H7 8OG B 3 0.66 -2.59 -0.47
H1 8OG B 3 -3.22 -2.07 2.83
H21 8OG B 3 -5.79 -3.78 1.53
H22 8OG B 3 -4.99 -3.13 2.93
C1 ORP A 6 3.17 9.03 2.99
O1 ORP A 6 2.10 9.95 2.86
C2 ORP A 6 2.65 7.96 3.94
C3 ORP A 6 3.92 7.22 4.40
O3 ORP A 6 3.86 6.34 5.53
C4 ORP A 6 4.82 8.51 4.44
O4 ORP A 6 4.49 9.40 3.40
C5 ORP A 6 6.28 8.20 4.58
O5 ORP A 6 6.73 7.56 3.40
P ORP A 6 7.18 8.40 2.04
O1P ORP A 6 8.29 7.55 1.49
O2P ORP A 6 7.44 9.87 2.25
H1 ORP A 6 3.20 8.51 2.03
HO1 ORP A 6 1.42 9.32 2.61
H21 ORP A 6 2.05 8.42 4.72
H22 ORP A 6 2.12 7.26 3.28
H3 ORP A 6 3.98 6.65 3.48
H4 ORP A 6 4.42 9.00 5.32
H51 ORP A 6 6.90 9.09 4.66
H52 ORP A 6 6.49 7.61 5.47
P 8OG B 3 1.03 -8.06 -4.82
OP1 8OG B 3 0.93 -9.24 -5.75
OP2 8OG B 3 2.09 -7.04 -5.14
O5' 8OG B 3 -0.28 -7.14 -4.83
C5' 8OG B 3 -1.50 -7.62 -4.35
C4' 8OG B 3 -2.66 -6.56 -4.04
O4' 8OG B 3 -2.38 -6.01 -2.78
C3' 8OG B 3 -2.83 -5.45 -5.07
O3' 8OG B 3 -4.12 -5.50 -5.67
C2' 8OG B 3 -2.49 -4.23 -4.25
C1' 8OG B 3 -2.74 -4.61 -2.81
N9 8OG B 3 -2.00 -3.86 -1.71
C8 8OG B 3 -0.61 -3.66 -1.58
N7 8OG B 3 -0.26 -3.03 -0.49
C5 8OG B 3 -1.47 -2.95 0.21
C6 8OG B 3 -1.78 -2.40 1.50
O6 8OG B 3 -1.08 -1.82 2.26
N1 8OG B 3 -3.14 -2.43 1.84
C2 8OG B 3 -4.08 -2.98 1.05
N2 8OG B 3 -5.29 -2.87 1.46
N3 8OG B 3 -3.82 -3.52 -0.16
C4 8OG B 3 -2.52 -3.35 -0.60
O8 8OG B 3 0.21 -3.89 -2.48
H5' 8OG B 3 -1.30 -8.30 -3.53
H5'' 8OG B 3 -1.92 -8.32 -5.07
H4' 8OG B 3 -3.58 -7.12 -3.87
H3' 8OG B 3 -2.11 -5.55 -5.88
H2' 8OG B 3 -3.09 -3.36 -4.53
H2'' 8OG B 3 -1.45 -3.90 -4.26
H1' 8OG B 3 -3.82 -4.51 -2.67
H7 8OG B 3 0.65 -2.64 -0.27
H1 8OG B 3 -3.35 -1.95 2.71
H21 8OG B 3 -6.08 -3.24 0.94
H22 8OG B 3 -5.51 -2.38 2.32
C1 ORP A 6 3.36 9.21 2.98
O1 ORP A 6 2.35 10.09 2.57
C2 ORP A 6 2.67 8.10 3.72
C3 ORP A 6 3.90 7.43 4.23
O3 ORP A 6 3.69 6.35 5.18
C4 ORP A 6 4.84 8.57 4.56
O4 ORP A 6 4.57 9.58 3.64
C5 ORP A 6 6.31 8.15 4.56
O5 ORP A 6 6.75 7.37 3.47
P ORP A 6 6.91 7.85 1.91
O1P ORP A 6 7.91 7.01 1.35
O2P ORP A 6 7.08 9.34 1.88
H1 ORP A 6 3.75 8.78 2.05
HO1 ORP A 6 1.70 9.51 2.15
H21 ORP A 6 2.15 8.51 4.58
H22 ORP A 6 2.05 7.51 3.02
H3 ORP A 6 4.18 6.88 3.34
H4 ORP A 6 4.55 8.85 5.57
H51 ORP A 6 6.92 9.05 4.62
H52 ORP A 6 6.42 7.68 5.55
P 8OG B 3 0.25 -7.97 -4.81
OP1 8OG B 3 -0.31 -9.16 -5.54
OP2 8OG B 3 1.38 -7.16 -5.39
O5' 8OG B 3 -0.83 -7.01 -4.42
C5' 8OG B 3 -2.18 -7.44 -4.20
C4' 8OG B 3 -3.09 -6.24 -3.94
O4' 8OG B 3 -2.81 -5.71 -2.68
C3' 8OG B 3 -3.00 -5.15 -5.05
O3' 8OG B 3 -4.19 -5.42 -5.82
C2' 8OG B 3 -2.96 -3.82 -4.21
C1' 8OG B 3 -3.15 -4.32 -2.78
N9 8OG B 3 -2.36 -3.59 -1.73
C8 8OG B 3 -1.01 -3.29 -1.74
N7 8OG B 3 -0.49 -2.81 -0.68
C5 8OG B 3 -1.65 -2.79 0.15
C6 8OG B 3 -1.84 -2.29 1.48
O6 8OG B 3 -0.99 -1.75 2.19
N1 8OG B 3 -3.07 -2.51 1.98
C2 8OG B 3 -4.13 -2.92 1.21
N2 8OG B 3 -5.36 -3.09 1.80
N3 8OG B 3 -4.01 -3.40 0.03
C4 8OG B 3 -2.74 -3.28 -0.48
O8 8OG B 3 -0.20 -3.65 -2.60
H5' 8OG B 3 -2.07 -8.09 -3.32
H5'' 8OG B 3 -2.54 -7.95 -5.09
H4' 8OG B 3 -4.13 -6.55 -3.90
H3' 8OG B 3 -2.14 -5.16 -5.72
H2' 8OG B 3 -3.77 -3.21 -4.62
H2'' 8OG B 3 -1.95 -3.42 -4.14
H1' 8OG B 3 -4.18 -4.10 -2.51
H7 8OG B 3 0.45 -2.56 -0.45
H1 8OG B 3 -3.18 -2.02 2.87
H21 8OG B 3 -6.07 -3.26 1.11
H22 8OG B 3 -5.49 -2.71 2.73
#